data_2YC4
#
_entry.id   2YC4
#
_cell.length_a   50.020
_cell.length_b   68.300
_cell.length_c   93.780
_cell.angle_alpha   90.00
_cell.angle_beta   92.42
_cell.angle_gamma   90.00
#
_symmetry.space_group_name_H-M   'P 1 21 1'
#
loop_
_entity.id
_entity.type
_entity.pdbx_description
1 polymer 'INTRAFLAGELLAR TRANSPORT PROTEIN 25'
2 polymer 'SMALL RAB-RELATED GTPASE'
3 non-polymer 'CALCIUM ION'
4 non-polymer 'MAGNESIUM ION'
5 non-polymer 'CHLORIDE ION'
6 water water
#
loop_
_entity_poly.entity_id
_entity_poly.type
_entity_poly.pdbx_seq_one_letter_code
_entity_poly.pdbx_strand_id
1 'polypeptide(L)'
;GAASMKDYAREENGGLVVMASCSDERFPPENMLDGKDNTFWVTTGMFPQEFVLRLESCIRVSKITTLSLNVRKLAVEKCD
QDKPDQFEKVFEVELANRGDRLQTEVHQVNIRAKYLKFILLQGHGEFATVNRVSVVGGD
;
A,B
2 'polypeptide(L)'
;GAASMVKKEVKPIDITATLRCKVAVVGEATVGKSALISMFTSKGSKFLKDYAMTSGVEVVVAPVTIPDTTVSVELFLLDT
AGSDLYKEQISQYWNGVYYAILVFDVSSMESFESCKAWFELLKSARPDRERPLRAVLVANKTDLPPQRHQVRLDMAQDWA
TTNTLDFFDVSANPPGKDADAPFLSIATTFYRNYEDKVAAFQDACRNY
;
C,D
#
# COMPACT_ATOMS: atom_id res chain seq x y z
N MET A 5 17.32 30.99 37.80
CA MET A 5 16.95 29.77 37.07
C MET A 5 18.13 29.14 36.33
N LYS A 6 18.08 27.81 36.18
CA LYS A 6 19.13 27.08 35.45
C LYS A 6 18.53 26.24 34.32
N ASP A 7 19.40 25.65 33.52
CA ASP A 7 19.00 24.57 32.61
C ASP A 7 19.39 23.28 33.31
N TYR A 8 18.43 22.64 33.96
CA TYR A 8 18.67 21.43 34.74
C TYR A 8 18.92 20.15 33.92
N ALA A 9 18.77 20.24 32.60
CA ALA A 9 19.06 19.14 31.70
C ALA A 9 20.55 19.00 31.47
N ARG A 10 21.20 20.15 31.35
CA ARG A 10 22.65 20.27 31.26
C ARG A 10 23.33 19.30 32.25
N GLU A 11 24.37 18.59 31.82
CA GLU A 11 24.96 17.53 32.63
C GLU A 11 25.66 18.16 33.80
N GLU A 12 25.93 19.45 33.67
CA GLU A 12 26.68 20.17 34.68
C GLU A 12 25.78 20.65 35.81
N ASN A 13 24.48 20.40 35.71
CA ASN A 13 23.54 20.65 36.79
C ASN A 13 22.84 19.37 37.19
N GLY A 14 23.61 18.29 37.22
CA GLY A 14 23.08 17.00 37.63
C GLY A 14 22.22 16.27 36.61
N GLY A 15 22.02 16.88 35.44
CA GLY A 15 21.24 16.26 34.39
C GLY A 15 21.76 14.89 34.00
N LEU A 16 20.85 13.92 33.86
CA LEU A 16 21.29 12.54 33.65
C LEU A 16 20.23 11.65 33.03
N VAL A 17 20.54 11.05 31.88
CA VAL A 17 19.61 10.11 31.26
C VAL A 17 19.78 8.69 31.78
N VAL A 18 18.70 8.11 32.28
CA VAL A 18 18.76 6.76 32.86
C VAL A 18 17.99 5.58 32.17
N MET A 19 17.10 5.83 31.21
CA MET A 19 16.29 4.73 30.67
C MET A 19 15.89 4.92 29.20
N ALA A 20 16.90 5.30 28.40
CA ALA A 20 16.88 5.22 26.93
C ALA A 20 16.57 3.82 26.36
N SER A 21 15.82 3.77 25.26
CA SER A 21 15.29 2.52 24.72
C SER A 21 16.12 1.97 23.61
N CYS A 22 17.19 2.67 23.26
CA CYS A 22 18.13 2.20 22.26
C CYS A 22 19.37 3.04 22.30
N SER A 23 20.52 2.41 22.02
CA SER A 23 21.78 3.14 22.08
C SER A 23 22.94 2.61 21.23
N ASP A 24 23.75 3.55 20.77
CA ASP A 24 25.00 3.25 20.09
C ASP A 24 26.06 4.03 20.86
N GLU A 25 27.06 3.33 21.41
CA GLU A 25 28.10 3.99 22.19
C GLU A 25 28.75 5.18 21.46
N ARG A 26 28.55 5.28 20.16
CA ARG A 26 29.05 6.40 19.40
C ARG A 26 28.21 7.67 19.52
N PHE A 27 26.99 7.53 20.04
CA PHE A 27 26.04 8.63 20.12
C PHE A 27 25.17 8.41 21.33
N PRO A 28 25.78 8.44 22.50
CA PRO A 28 25.14 8.12 23.78
C PRO A 28 24.26 9.25 24.28
N PRO A 29 23.22 8.90 25.05
CA PRO A 29 22.24 9.85 25.58
C PRO A 29 22.88 11.12 26.10
N GLU A 30 24.06 10.99 26.70
CA GLU A 30 24.78 12.10 27.29
C GLU A 30 24.93 13.23 26.28
N ASN A 31 24.97 12.88 25.01
CA ASN A 31 25.14 13.88 23.97
C ASN A 31 23.99 14.85 23.88
N MET A 32 22.99 14.71 24.74
CA MET A 32 21.82 15.57 24.68
C MET A 32 21.91 16.71 25.66
N LEU A 33 22.81 16.58 26.63
CA LEU A 33 22.88 17.56 27.71
C LEU A 33 24.28 18.13 27.92
N ASP A 34 25.08 18.09 26.87
CA ASP A 34 26.38 18.74 26.91
C ASP A 34 26.31 20.19 26.39
N GLY A 35 25.12 20.61 25.97
CA GLY A 35 24.91 21.97 25.51
C GLY A 35 25.44 22.32 24.13
N LYS A 36 26.11 21.37 23.49
CA LYS A 36 26.63 21.56 22.13
C LYS A 36 25.54 21.22 21.15
N ASP A 37 25.61 21.75 19.93
CA ASP A 37 24.56 21.52 18.95
C ASP A 37 24.98 20.49 17.94
N ASN A 38 26.26 20.10 17.97
CA ASN A 38 26.82 19.24 16.93
C ASN A 38 26.91 17.78 17.33
N THR A 39 26.72 17.50 18.62
CA THR A 39 26.66 16.12 19.10
C THR A 39 25.20 15.73 19.29
N PHE A 40 24.91 14.44 19.29
CA PHE A 40 23.52 14.00 19.40
C PHE A 40 23.40 12.58 19.89
N TRP A 41 22.14 12.21 20.15
CA TRP A 41 21.76 10.83 20.41
C TRP A 41 20.95 10.38 19.21
N VAL A 42 21.18 9.16 18.74
CA VAL A 42 20.47 8.67 17.57
C VAL A 42 19.75 7.38 17.89
N THR A 43 18.59 7.21 17.26
CA THR A 43 17.84 5.98 17.41
C THR A 43 18.43 4.91 16.50
N THR A 44 18.21 3.64 16.85
CA THR A 44 18.90 2.53 16.19
C THR A 44 17.95 1.68 15.39
N GLY A 45 16.79 2.22 15.07
CA GLY A 45 15.81 1.42 14.37
C GLY A 45 14.41 1.95 14.56
N MET A 46 13.51 1.04 14.96
CA MET A 46 12.08 1.26 14.84
C MET A 46 11.53 2.48 15.62
N PHE A 47 10.20 2.58 15.68
CA PHE A 47 9.55 3.49 16.62
C PHE A 47 8.40 2.78 17.39
N PRO A 48 8.01 3.31 18.56
CA PRO A 48 8.52 4.54 19.16
C PRO A 48 9.83 4.29 19.87
N GLN A 49 10.48 5.34 20.36
CA GLN A 49 11.70 5.25 21.16
C GLN A 49 11.60 6.30 22.25
N GLU A 50 12.16 6.00 23.41
CA GLU A 50 12.06 6.92 24.54
C GLU A 50 13.30 6.90 25.39
N PHE A 51 13.43 7.91 26.23
CA PHE A 51 14.52 7.97 27.19
C PHE A 51 14.05 8.85 28.31
N VAL A 52 14.60 8.63 29.50
CA VAL A 52 14.15 9.29 30.71
C VAL A 52 15.27 10.11 31.32
N LEU A 53 15.13 11.43 31.27
CA LEU A 53 16.05 12.34 31.93
C LEU A 53 15.68 12.50 33.41
N ARG A 54 16.68 12.48 34.29
CA ARG A 54 16.45 12.77 35.71
C ARG A 54 17.25 13.98 36.17
N LEU A 55 16.55 14.95 36.77
CA LEU A 55 17.20 16.16 37.30
C LEU A 55 17.56 16.02 38.78
N GLU A 56 18.59 16.75 39.20
CA GLU A 56 19.07 16.74 40.59
C GLU A 56 17.94 16.71 41.62
N SER A 57 17.05 17.69 41.56
CA SER A 57 15.89 17.74 42.45
C SER A 57 14.59 17.89 41.67
N CYS A 58 13.47 17.62 42.33
CA CYS A 58 12.18 17.87 41.69
C CYS A 58 11.96 19.37 41.64
N ILE A 59 11.94 19.93 40.43
CA ILE A 59 11.90 21.37 40.27
C ILE A 59 10.65 21.88 39.55
N ARG A 60 10.47 23.19 39.54
CA ARG A 60 9.40 23.81 38.78
C ARG A 60 9.94 24.12 37.39
N VAL A 61 9.34 23.51 36.38
CA VAL A 61 9.81 23.67 35.01
C VAL A 61 8.92 24.62 34.21
N SER A 62 9.56 25.50 33.46
CA SER A 62 8.83 26.55 32.78
C SER A 62 9.12 26.58 31.29
N LYS A 63 10.36 26.31 30.90
CA LYS A 63 10.67 26.15 29.48
C LYS A 63 11.30 24.79 29.24
N ILE A 64 10.64 23.96 28.44
CA ILE A 64 11.30 22.77 27.93
C ILE A 64 11.59 23.00 26.46
N THR A 65 12.72 22.50 25.99
CA THR A 65 13.16 22.80 24.63
C THR A 65 14.03 21.71 24.02
N THR A 66 13.72 21.28 22.81
CA THR A 66 14.49 20.21 22.18
C THR A 66 15.05 20.58 20.82
N LEU A 67 16.20 19.98 20.50
CA LEU A 67 16.85 20.13 19.22
C LEU A 67 16.98 18.74 18.62
N SER A 68 16.33 18.53 17.47
CA SER A 68 16.29 17.22 16.89
C SER A 68 16.38 17.20 15.38
N LEU A 69 16.66 16.03 14.82
CA LEU A 69 16.57 15.84 13.39
C LEU A 69 15.69 14.64 13.12
N ASN A 70 14.82 14.78 12.13
CA ASN A 70 13.99 13.67 11.64
C ASN A 70 12.83 13.20 12.52
N VAL A 71 12.54 13.96 13.57
CA VAL A 71 11.45 13.63 14.46
C VAL A 71 10.13 14.18 13.93
N ARG A 72 9.09 13.36 13.96
CA ARG A 72 7.81 13.74 13.43
C ARG A 72 6.76 13.92 14.53
N LYS A 73 6.48 12.88 15.32
CA LYS A 73 5.65 13.07 16.51
C LYS A 73 6.46 12.83 17.75
N LEU A 74 6.34 13.75 18.70
CA LEU A 74 7.04 13.71 19.98
C LEU A 74 6.10 13.91 21.17
N ALA A 75 6.30 13.15 22.24
CA ALA A 75 5.52 13.31 23.45
C ALA A 75 6.42 13.44 24.67
N VAL A 76 5.97 14.19 25.66
CA VAL A 76 6.76 14.42 26.87
C VAL A 76 5.92 14.19 28.12
N GLU A 77 6.53 13.57 29.11
CA GLU A 77 5.80 13.21 30.32
C GLU A 77 6.60 13.53 31.58
N LYS A 78 5.90 13.97 32.62
CA LYS A 78 6.55 14.33 33.88
C LYS A 78 6.38 13.27 34.97
N CYS A 79 7.27 13.28 35.95
CA CYS A 79 7.09 12.49 37.16
C CYS A 79 7.66 13.28 38.32
N ASP A 80 6.81 13.70 39.24
CA ASP A 80 7.23 14.54 40.35
C ASP A 80 7.66 13.75 41.59
N GLN A 81 7.40 12.46 41.57
CA GLN A 81 7.83 11.58 42.65
C GLN A 81 9.31 11.25 42.46
N ASP A 82 9.93 10.63 43.44
CA ASP A 82 11.39 10.54 43.35
C ASP A 82 11.83 9.19 42.83
N LYS A 83 10.86 8.39 42.35
CA LYS A 83 11.12 7.21 41.54
C LYS A 83 10.28 7.27 40.25
N PRO A 84 10.87 6.96 39.09
CA PRO A 84 10.09 7.00 37.86
C PRO A 84 9.22 5.76 37.74
N ASP A 85 8.10 5.77 38.43
CA ASP A 85 7.20 4.62 38.40
C ASP A 85 5.83 5.07 37.90
N GLN A 86 5.51 6.34 38.07
CA GLN A 86 4.28 6.92 37.53
C GLN A 86 4.49 8.24 36.77
N PHE A 87 4.30 8.21 35.45
CA PHE A 87 4.46 9.39 34.60
C PHE A 87 3.12 9.96 34.16
N GLU A 88 3.07 11.28 33.97
CA GLU A 88 1.86 11.93 33.56
C GLU A 88 2.15 12.84 32.37
N LYS A 89 1.34 12.72 31.32
CA LYS A 89 1.58 13.45 30.07
C LYS A 89 1.64 14.98 30.23
N VAL A 90 2.55 15.60 29.49
CA VAL A 90 2.75 17.07 29.53
C VAL A 90 2.33 17.67 28.21
N PHE A 91 2.88 17.13 27.13
CA PHE A 91 2.41 17.46 25.80
C PHE A 91 2.76 16.45 24.70
N GLU A 92 2.55 16.89 23.47
CA GLU A 92 2.55 16.03 22.30
C GLU A 92 2.51 16.92 21.06
N VAL A 93 3.43 16.67 20.13
CA VAL A 93 3.70 17.64 19.07
C VAL A 93 4.07 16.93 17.78
N GLU A 94 3.33 17.23 16.72
CA GLU A 94 3.71 16.74 15.40
C GLU A 94 4.66 17.78 14.82
N LEU A 95 5.76 17.31 14.22
CA LEU A 95 6.78 18.17 13.67
C LEU A 95 6.84 18.04 12.15
N ALA A 96 7.89 18.60 11.54
CA ALA A 96 7.91 18.68 10.08
C ALA A 96 9.27 18.35 9.45
N ASN A 97 9.21 18.07 8.14
CA ASN A 97 10.35 17.84 7.26
C ASN A 97 11.75 18.21 7.74
N LEU A 102 16.77 20.51 10.47
CA LEU A 102 17.03 20.63 11.92
C LEU A 102 15.92 21.34 12.71
N GLN A 103 15.23 20.56 13.55
CA GLN A 103 13.98 21.00 14.15
C GLN A 103 14.14 21.37 15.59
N THR A 104 13.89 22.62 15.90
CA THR A 104 13.93 23.04 17.28
C THR A 104 12.49 23.29 17.69
N GLU A 105 12.17 22.88 18.91
CA GLU A 105 10.81 22.84 19.39
C GLU A 105 10.80 23.30 20.83
N VAL A 106 10.24 24.48 21.06
CA VAL A 106 10.25 25.08 22.39
C VAL A 106 8.84 25.15 22.97
N HIS A 107 8.69 24.72 24.23
CA HIS A 107 7.39 24.74 24.91
C HIS A 107 7.44 25.36 26.31
N GLN A 108 6.46 26.19 26.62
CA GLN A 108 6.37 26.84 27.92
C GLN A 108 5.45 26.04 28.78
N VAL A 109 5.88 25.74 29.99
CA VAL A 109 5.13 24.85 30.85
C VAL A 109 5.23 25.35 32.26
N ASN A 110 4.30 24.91 33.12
CA ASN A 110 4.46 25.13 34.54
C ASN A 110 4.10 23.88 35.32
N ILE A 111 5.13 23.09 35.60
CA ILE A 111 4.93 21.81 36.27
C ILE A 111 6.09 21.51 37.18
N ARG A 112 5.82 20.66 38.17
CA ARG A 112 6.88 20.13 39.00
C ARG A 112 7.32 18.78 38.43
N ALA A 113 8.62 18.62 38.24
CA ALA A 113 9.10 17.35 37.76
C ALA A 113 10.46 17.04 38.33
N LYS A 114 10.73 15.75 38.44
CA LYS A 114 12.02 15.24 38.83
C LYS A 114 12.56 14.43 37.63
N TYR A 115 11.69 13.60 37.05
CA TYR A 115 12.00 12.89 35.81
C TYR A 115 11.19 13.48 34.70
N LEU A 116 11.79 13.51 33.51
CA LEU A 116 11.08 13.89 32.28
C LEU A 116 11.32 12.83 31.22
N LYS A 117 10.24 12.22 30.75
CA LYS A 117 10.34 11.20 29.71
C LYS A 117 10.04 11.79 28.35
N PHE A 118 10.92 11.56 27.38
CA PHE A 118 10.64 11.96 26.01
C PHE A 118 10.44 10.75 25.15
N ILE A 119 9.32 10.72 24.44
CA ILE A 119 9.03 9.64 23.49
C ILE A 119 9.03 10.17 22.08
N LEU A 120 9.82 9.55 21.22
CA LEU A 120 9.74 9.76 19.79
C LEU A 120 8.76 8.75 19.25
N LEU A 121 7.55 9.21 18.96
CA LEU A 121 6.45 8.31 18.59
C LEU A 121 6.50 7.94 17.11
N GLN A 122 7.06 8.82 16.31
CA GLN A 122 7.25 8.52 14.90
C GLN A 122 8.20 9.51 14.25
N GLY A 123 8.91 9.04 13.25
CA GLY A 123 9.94 9.85 12.61
C GLY A 123 9.61 10.06 11.15
N HIS A 124 10.40 10.87 10.48
CA HIS A 124 10.17 11.09 9.06
C HIS A 124 10.98 10.11 8.24
N GLY A 125 11.91 9.46 8.92
CA GLY A 125 12.70 8.44 8.30
C GLY A 125 12.79 7.20 9.15
N GLU A 126 13.86 6.45 8.93
CA GLU A 126 14.02 5.16 9.59
C GLU A 126 14.63 5.41 10.95
N PHE A 127 15.42 6.48 11.04
CA PHE A 127 16.13 6.87 12.25
C PHE A 127 15.93 8.36 12.61
N ALA A 128 16.34 8.76 13.80
CA ALA A 128 16.22 10.15 14.22
C ALA A 128 17.25 10.51 15.27
N THR A 129 17.42 11.80 15.50
CA THR A 129 18.42 12.23 16.45
C THR A 129 17.87 13.25 17.42
N VAL A 130 18.41 13.24 18.63
CA VAL A 130 18.25 14.35 19.54
C VAL A 130 19.63 14.90 19.91
N ASN A 131 19.80 16.21 19.72
CA ASN A 131 21.09 16.83 19.82
C ASN A 131 21.17 17.59 21.12
N ARG A 132 20.13 18.37 21.38
CA ARG A 132 20.03 19.06 22.65
C ARG A 132 18.69 18.81 23.32
N VAL A 133 18.75 18.66 24.63
CA VAL A 133 17.58 18.76 25.49
C VAL A 133 17.90 19.81 26.54
N SER A 134 16.97 20.75 26.70
CA SER A 134 17.16 21.82 27.66
C SER A 134 15.94 21.89 28.55
N VAL A 135 16.18 21.89 29.86
CA VAL A 135 15.10 22.06 30.84
C VAL A 135 15.33 23.27 31.75
N VAL A 136 14.55 24.32 31.55
CA VAL A 136 14.70 25.54 32.36
C VAL A 136 13.64 25.71 33.43
N GLY A 137 14.07 26.23 34.58
CA GLY A 137 13.23 26.40 35.74
C GLY A 137 14.07 26.42 37.01
N GLY A 138 13.41 26.47 38.17
CA GLY A 138 14.11 26.56 39.44
C GLY A 138 13.34 25.88 40.55
N ASP A 139 13.86 26.07 41.77
CA ASP A 139 13.37 25.46 43.02
C ASP A 139 14.29 24.33 43.47
N LYS B 6 -17.38 23.87 -40.13
CA LYS B 6 -18.23 23.39 -39.04
C LYS B 6 -17.50 22.49 -38.02
N ASP B 7 -18.31 21.82 -37.18
CA ASP B 7 -17.81 20.85 -36.21
C ASP B 7 -18.51 19.52 -36.46
N TYR B 8 -17.80 18.60 -37.13
CA TYR B 8 -18.41 17.34 -37.56
C TYR B 8 -18.55 16.35 -36.42
N ALA B 9 -18.24 16.78 -35.21
CA ALA B 9 -18.51 15.95 -34.05
C ALA B 9 -20.01 15.73 -34.02
N ARG B 10 -20.74 16.83 -34.00
CA ARG B 10 -22.19 16.82 -33.79
C ARG B 10 -22.99 15.80 -34.60
N GLU B 11 -23.92 15.12 -33.93
CA GLU B 11 -24.80 14.13 -34.59
C GLU B 11 -25.31 14.64 -35.92
N GLU B 12 -25.47 15.95 -36.00
CA GLU B 12 -26.17 16.64 -37.08
C GLU B 12 -25.28 16.96 -38.27
N ASN B 13 -23.97 17.02 -38.04
CA ASN B 13 -23.02 17.01 -39.15
C ASN B 13 -22.52 15.58 -39.35
N GLY B 14 -23.41 14.61 -39.17
CA GLY B 14 -23.08 13.21 -39.39
C GLY B 14 -22.26 12.53 -38.31
N GLY B 15 -21.88 13.28 -37.27
CA GLY B 15 -21.08 12.74 -36.18
C GLY B 15 -21.73 11.53 -35.55
N LEU B 16 -20.94 10.50 -35.28
CA LEU B 16 -21.53 9.25 -34.81
C LEU B 16 -20.52 8.32 -34.11
N VAL B 17 -20.80 7.97 -32.86
CA VAL B 17 -19.92 7.03 -32.15
C VAL B 17 -20.28 5.59 -32.48
N VAL B 18 -19.30 4.80 -32.87
CA VAL B 18 -19.57 3.40 -33.23
C VAL B 18 -18.87 2.27 -32.45
N MET B 19 -17.89 2.56 -31.58
CA MET B 19 -17.15 1.48 -30.91
C MET B 19 -16.60 1.80 -29.51
N ALA B 20 -17.48 2.45 -28.73
CA ALA B 20 -17.36 2.59 -27.27
C ALA B 20 -17.17 1.25 -26.52
N SER B 21 -16.34 1.27 -25.49
CA SER B 21 -15.96 0.07 -24.78
C SER B 21 -16.79 -0.19 -23.54
N CYS B 22 -17.76 0.67 -23.26
CA CYS B 22 -18.62 0.46 -22.12
C CYS B 22 -19.77 1.45 -22.22
N SER B 23 -20.95 1.08 -21.73
CA SER B 23 -22.12 1.96 -21.85
C SER B 23 -23.26 1.68 -20.87
N ASP B 24 -23.92 2.77 -20.50
CA ASP B 24 -25.14 2.74 -19.72
C ASP B 24 -26.17 3.54 -20.53
N GLU B 25 -27.28 2.90 -20.90
CA GLU B 25 -28.28 3.54 -21.74
C GLU B 25 -28.70 4.90 -21.20
N ARG B 26 -28.35 5.18 -19.94
CA ARG B 26 -28.72 6.45 -19.34
C ARG B 26 -27.78 7.57 -19.70
N PHE B 27 -26.63 7.21 -20.28
CA PHE B 27 -25.57 8.18 -20.57
C PHE B 27 -24.82 7.65 -21.75
N PRO B 28 -25.52 7.57 -22.89
CA PRO B 28 -25.01 6.95 -24.12
C PRO B 28 -24.03 7.87 -24.82
N PRO B 29 -23.10 7.27 -25.58
CA PRO B 29 -22.08 8.01 -26.35
C PRO B 29 -22.63 9.25 -27.06
N GLU B 30 -23.84 9.16 -27.61
CA GLU B 30 -24.51 10.27 -28.29
C GLU B 30 -24.46 11.53 -27.47
N ASN B 31 -24.43 11.40 -26.15
CA ASN B 31 -24.39 12.56 -25.29
C ASN B 31 -23.13 13.39 -25.42
N MET B 32 -22.24 12.97 -26.32
CA MET B 32 -20.96 13.68 -26.46
C MET B 32 -21.03 14.69 -27.58
N LEU B 33 -21.97 14.50 -28.49
CA LEU B 33 -22.02 15.30 -29.69
C LEU B 33 -23.35 16.00 -29.90
N ASP B 34 -24.08 16.25 -28.82
CA ASP B 34 -25.30 17.02 -28.93
C ASP B 34 -25.03 18.50 -28.63
N GLY B 35 -23.78 18.83 -28.31
CA GLY B 35 -23.39 20.21 -28.16
C GLY B 35 -23.79 20.83 -26.82
N LYS B 36 -24.50 20.07 -26.00
CA LYS B 36 -24.87 20.53 -24.67
C LYS B 36 -23.72 20.26 -23.70
N ASP B 37 -23.66 20.98 -22.60
CA ASP B 37 -22.56 20.77 -21.67
C ASP B 37 -23.01 19.97 -20.47
N ASN B 38 -24.32 19.72 -20.38
CA ASN B 38 -24.88 19.12 -19.17
C ASN B 38 -25.17 17.65 -19.31
N THR B 39 -25.10 17.15 -20.53
CA THR B 39 -25.24 15.72 -20.76
C THR B 39 -23.84 15.12 -20.95
N PHE B 40 -23.71 13.82 -20.76
CA PHE B 40 -22.40 13.19 -20.89
C PHE B 40 -22.48 11.70 -21.14
N TRP B 41 -21.32 11.15 -21.42
CA TRP B 41 -21.10 9.72 -21.47
C TRP B 41 -20.25 9.39 -20.26
N VAL B 42 -20.56 8.27 -19.60
CA VAL B 42 -19.84 7.90 -18.40
C VAL B 42 -19.30 6.50 -18.57
N THR B 43 -18.12 6.27 -18.00
CA THR B 43 -17.51 4.93 -17.98
C THR B 43 -18.16 4.12 -16.87
N THR B 44 -18.11 2.79 -16.99
CA THR B 44 -18.87 1.91 -16.11
C THR B 44 -17.99 1.08 -15.20
N GLY B 45 -16.74 1.49 -15.05
CA GLY B 45 -15.80 0.67 -14.32
C GLY B 45 -14.37 1.00 -14.70
N MET B 46 -13.62 -0.04 -15.01
CA MET B 46 -12.16 0.00 -15.05
C MET B 46 -11.53 0.99 -16.00
N PHE B 47 -10.21 0.91 -16.16
CA PHE B 47 -9.52 1.60 -17.26
C PHE B 47 -8.51 0.65 -17.95
N PRO B 48 -8.17 0.94 -19.22
CA PRO B 48 -8.61 2.12 -19.97
C PRO B 48 -10.01 1.92 -20.51
N GLN B 49 -10.58 2.95 -21.16
CA GLN B 49 -11.84 2.86 -21.90
C GLN B 49 -11.70 3.68 -23.17
N GLU B 50 -12.39 3.27 -24.22
CA GLU B 50 -12.26 4.01 -25.48
C GLU B 50 -13.56 4.05 -26.24
N PHE B 51 -13.60 4.90 -27.25
CA PHE B 51 -14.76 4.96 -28.12
C PHE B 51 -14.31 5.58 -29.42
N VAL B 52 -15.01 5.25 -30.50
CA VAL B 52 -14.57 5.63 -31.83
C VAL B 52 -15.61 6.49 -32.50
N LEU B 53 -15.29 7.77 -32.71
CA LEU B 53 -16.16 8.70 -33.44
C LEU B 53 -15.90 8.59 -34.93
N ARG B 54 -16.97 8.58 -35.73
CA ARG B 54 -16.85 8.58 -37.18
C ARG B 54 -17.55 9.76 -37.79
N LEU B 55 -16.80 10.55 -38.56
CA LEU B 55 -17.35 11.72 -39.25
C LEU B 55 -17.83 11.40 -40.68
N GLU B 56 -18.81 12.17 -41.15
CA GLU B 56 -19.39 12.01 -42.49
C GLU B 56 -18.36 11.66 -43.57
N SER B 57 -17.34 12.51 -43.71
CA SER B 57 -16.28 12.29 -44.69
C SER B 57 -14.92 12.38 -44.02
N CYS B 58 -13.88 11.91 -44.68
CA CYS B 58 -12.52 12.08 -44.16
C CYS B 58 -12.13 13.52 -44.37
N ILE B 59 -11.93 14.25 -43.27
CA ILE B 59 -11.74 15.70 -43.38
C ILE B 59 -10.43 16.16 -42.81
N ARG B 60 -10.12 17.43 -43.04
CA ARG B 60 -8.98 18.07 -42.41
C ARG B 60 -9.41 18.60 -41.04
N VAL B 61 -8.68 18.19 -40.01
CA VAL B 61 -8.95 18.67 -38.67
C VAL B 61 -7.91 19.70 -38.23
N SER B 62 -8.41 20.92 -37.99
CA SER B 62 -7.58 22.00 -37.49
C SER B 62 -7.54 22.00 -35.95
N LYS B 63 -8.68 21.73 -35.33
CA LYS B 63 -8.77 21.72 -33.87
C LYS B 63 -9.72 20.67 -33.31
N ILE B 64 -9.23 19.95 -32.29
CA ILE B 64 -10.00 18.94 -31.54
C ILE B 64 -10.13 19.42 -30.10
N THR B 65 -11.25 19.11 -29.45
CA THR B 65 -11.56 19.67 -28.13
C THR B 65 -12.52 18.81 -27.32
N THR B 66 -12.18 18.55 -26.07
CA THR B 66 -12.99 17.69 -25.21
C THR B 66 -13.39 18.33 -23.88
N LEU B 67 -14.58 17.96 -23.41
CA LEU B 67 -15.11 18.40 -22.14
C LEU B 67 -15.38 17.18 -21.30
N SER B 68 -14.69 17.07 -20.17
CA SER B 68 -14.72 15.84 -19.41
C SER B 68 -14.70 16.05 -17.92
N LEU B 69 -15.00 15.00 -17.19
CA LEU B 69 -14.94 14.99 -15.73
C LEU B 69 -14.15 13.77 -15.24
N ASN B 70 -13.12 14.00 -14.43
CA ASN B 70 -12.38 12.93 -13.78
C ASN B 70 -11.39 12.17 -14.67
N VAL B 71 -11.09 12.73 -15.84
CA VAL B 71 -10.11 12.09 -16.73
C VAL B 71 -8.70 12.56 -16.36
N ARG B 72 -7.76 11.63 -16.33
CA ARG B 72 -6.39 11.92 -15.94
C ARG B 72 -5.41 11.81 -17.10
N LYS B 73 -5.32 10.64 -17.74
CA LYS B 73 -4.56 10.52 -18.98
C LYS B 73 -5.51 10.20 -20.12
N LEU B 74 -5.35 10.90 -21.23
CA LEU B 74 -6.18 10.72 -22.42
C LEU B 74 -5.31 10.62 -23.66
N ALA B 75 -5.71 9.77 -24.62
CA ALA B 75 -4.98 9.63 -25.89
C ALA B 75 -5.96 9.65 -27.05
N VAL B 76 -5.53 10.20 -28.17
CA VAL B 76 -6.37 10.34 -29.35
C VAL B 76 -5.64 9.83 -30.59
N GLU B 77 -6.39 9.14 -31.44
CA GLU B 77 -5.81 8.50 -32.61
C GLU B 77 -6.66 8.74 -33.85
N LYS B 78 -6.01 8.89 -35.01
CA LYS B 78 -6.72 9.15 -36.25
C LYS B 78 -6.75 7.92 -37.17
N CYS B 79 -7.71 7.90 -38.07
CA CYS B 79 -7.71 6.91 -39.14
C CYS B 79 -8.30 7.56 -40.37
N ASP B 80 -7.49 7.73 -41.40
CA ASP B 80 -7.90 8.44 -42.62
C ASP B 80 -8.50 7.52 -43.69
N GLN B 81 -8.36 6.22 -43.50
CA GLN B 81 -9.00 5.23 -44.39
C GLN B 81 -10.49 5.16 -44.07
N ASP B 82 -11.27 4.47 -44.88
CA ASP B 82 -12.70 4.59 -44.71
C ASP B 82 -13.29 3.39 -44.02
N LYS B 83 -12.45 2.40 -43.79
CA LYS B 83 -12.74 1.41 -42.77
C LYS B 83 -11.73 1.65 -41.64
N PRO B 84 -12.19 1.57 -40.39
CA PRO B 84 -11.30 1.76 -39.24
C PRO B 84 -10.36 0.57 -39.03
N ASP B 85 -9.57 0.28 -40.07
CA ASP B 85 -8.60 -0.80 -40.05
C ASP B 85 -7.41 -0.44 -39.16
N GLN B 86 -6.78 0.70 -39.47
CA GLN B 86 -5.51 1.06 -38.85
C GLN B 86 -5.50 2.47 -38.26
N PHE B 87 -5.32 2.61 -36.95
CA PHE B 87 -5.27 3.92 -36.27
C PHE B 87 -3.85 4.38 -36.01
N GLU B 88 -3.65 5.68 -36.03
CA GLU B 88 -2.32 6.24 -35.80
C GLU B 88 -2.40 7.38 -34.81
N LYS B 89 -1.54 7.31 -33.78
CA LYS B 89 -1.57 8.25 -32.65
C LYS B 89 -1.50 9.72 -33.07
N VAL B 90 -2.25 10.58 -32.39
CA VAL B 90 -2.29 12.02 -32.67
C VAL B 90 -1.74 12.78 -31.49
N PHE B 91 -2.25 12.46 -30.30
CA PHE B 91 -1.63 12.94 -29.07
C PHE B 91 -1.98 12.18 -27.79
N GLU B 92 -1.61 12.79 -26.68
CA GLU B 92 -1.62 12.14 -25.38
C GLU B 92 -1.39 13.21 -24.31
N VAL B 93 -2.24 13.22 -23.30
CA VAL B 93 -2.31 14.34 -22.39
C VAL B 93 -2.63 13.84 -20.99
N GLU B 94 -1.80 14.22 -20.01
CA GLU B 94 -2.14 14.00 -18.62
C GLU B 94 -2.91 15.23 -18.19
N LEU B 95 -3.99 15.03 -17.43
CA LEU B 95 -4.87 16.12 -16.99
C LEU B 95 -4.81 16.24 -15.46
N ALA B 96 -5.72 17.00 -14.87
CA ALA B 96 -5.64 17.26 -13.44
C ALA B 96 -6.97 17.20 -12.67
N ASN B 97 -6.83 17.20 -11.36
CA ASN B 97 -7.91 17.22 -10.37
C ASN B 97 -9.29 17.85 -10.63
N ARG B 98 -10.20 17.50 -9.73
CA ARG B 98 -11.39 18.31 -9.40
C ARG B 98 -12.74 17.64 -9.62
N GLY B 99 -13.70 18.43 -10.07
CA GLY B 99 -14.98 17.94 -10.54
C GLY B 99 -15.53 18.96 -11.53
N LEU B 102 -15.18 20.21 -14.13
CA LEU B 102 -15.06 19.93 -15.56
C LEU B 102 -13.70 20.31 -16.15
N GLN B 103 -13.24 19.44 -17.05
CA GLN B 103 -12.02 19.67 -17.81
C GLN B 103 -12.35 20.07 -19.26
N THR B 104 -11.67 21.10 -19.74
CA THR B 104 -11.70 21.43 -21.15
C THR B 104 -10.28 21.24 -21.63
N GLU B 105 -10.18 20.93 -22.91
CA GLU B 105 -8.91 20.74 -23.56
C GLU B 105 -9.05 21.26 -24.98
N VAL B 106 -8.01 21.94 -25.47
CA VAL B 106 -8.02 22.29 -26.89
C VAL B 106 -6.79 21.74 -27.54
N HIS B 107 -6.99 21.18 -28.73
CA HIS B 107 -5.88 20.80 -29.57
C HIS B 107 -6.10 21.23 -30.99
N GLN B 108 -5.40 22.28 -31.39
CA GLN B 108 -5.22 22.56 -32.80
C GLN B 108 -4.22 21.52 -33.32
N VAL B 109 -4.60 20.90 -34.44
CA VAL B 109 -3.89 19.79 -35.07
C VAL B 109 -4.04 20.03 -36.56
N ASN B 110 -3.26 19.33 -37.37
CA ASN B 110 -3.49 19.35 -38.81
C ASN B 110 -3.34 17.95 -39.39
N ILE B 111 -4.47 17.25 -39.48
CA ILE B 111 -4.49 15.88 -39.96
C ILE B 111 -5.77 15.65 -40.78
N ARG B 112 -5.71 14.73 -41.76
CA ARG B 112 -6.93 14.18 -42.33
C ARG B 112 -7.35 13.01 -41.43
N ALA B 113 -8.65 12.96 -41.13
CA ALA B 113 -9.21 11.82 -40.42
C ALA B 113 -10.64 11.59 -40.84
N LYS B 114 -11.07 10.34 -40.70
CA LYS B 114 -12.43 9.92 -40.93
C LYS B 114 -12.95 9.41 -39.58
N TYR B 115 -12.14 8.59 -38.92
CA TYR B 115 -12.44 8.13 -37.58
C TYR B 115 -11.46 8.75 -36.63
N LEU B 116 -11.94 9.05 -35.43
CA LEU B 116 -11.12 9.48 -34.32
C LEU B 116 -11.41 8.62 -33.10
N LYS B 117 -10.38 7.94 -32.60
CA LYS B 117 -10.48 7.15 -31.39
C LYS B 117 -10.03 7.93 -30.15
N PHE B 118 -10.86 7.95 -29.10
CA PHE B 118 -10.42 8.56 -27.87
C PHE B 118 -10.28 7.49 -26.82
N ILE B 119 -9.12 7.45 -26.18
CA ILE B 119 -8.89 6.53 -25.10
C ILE B 119 -8.68 7.27 -23.80
N LEU B 120 -9.49 6.91 -22.80
CA LEU B 120 -9.25 7.30 -21.41
C LEU B 120 -8.35 6.23 -20.81
N LEU B 121 -7.07 6.56 -20.71
CA LEU B 121 -6.08 5.59 -20.24
C LEU B 121 -6.10 5.41 -18.73
N GLN B 122 -6.43 6.50 -18.02
CA GLN B 122 -6.56 6.44 -16.56
C GLN B 122 -7.35 7.63 -16.03
N GLY B 123 -8.02 7.40 -14.90
CA GLY B 123 -8.87 8.44 -14.33
C GLY B 123 -8.41 8.85 -12.96
N HIS B 124 -9.07 9.86 -12.39
CA HIS B 124 -8.71 10.30 -11.06
C HIS B 124 -9.57 9.59 -10.04
N GLY B 125 -10.61 8.96 -10.54
CA GLY B 125 -11.46 8.14 -9.71
C GLY B 125 -11.76 6.81 -10.35
N GLU B 126 -12.85 6.21 -9.90
CA GLU B 126 -13.21 4.88 -10.36
C GLU B 126 -13.90 4.98 -11.71
N PHE B 127 -14.57 6.11 -11.94
CA PHE B 127 -15.33 6.37 -13.16
C PHE B 127 -14.97 7.74 -13.71
N ALA B 128 -15.40 8.01 -14.95
CA ALA B 128 -15.18 9.33 -15.58
C ALA B 128 -16.28 9.64 -16.61
N THR B 129 -16.31 10.89 -17.07
CA THR B 129 -17.34 11.28 -18.02
C THR B 129 -16.78 12.07 -19.17
N VAL B 130 -17.42 11.96 -20.32
CA VAL B 130 -17.16 12.88 -21.39
C VAL B 130 -18.49 13.54 -21.77
N ASN B 131 -18.49 14.85 -21.78
CA ASN B 131 -19.72 15.62 -21.92
C ASN B 131 -19.82 16.17 -23.32
N ARG B 132 -18.73 16.82 -23.75
CA ARG B 132 -18.63 17.23 -25.14
C ARG B 132 -17.38 16.74 -25.86
N VAL B 133 -17.58 16.36 -27.12
CA VAL B 133 -16.48 16.14 -28.05
C VAL B 133 -16.76 17.06 -29.24
N SER B 134 -15.76 17.86 -29.60
CA SER B 134 -15.91 18.76 -30.74
C SER B 134 -14.75 18.56 -31.70
N VAL B 135 -15.09 18.39 -32.97
CA VAL B 135 -14.08 18.26 -34.02
C VAL B 135 -14.25 19.33 -35.11
N VAL B 136 -13.33 20.29 -35.14
CA VAL B 136 -13.41 21.40 -36.09
C VAL B 136 -12.43 21.25 -37.26
N GLY B 137 -12.87 21.69 -38.44
CA GLY B 137 -12.13 21.54 -39.68
C GLY B 137 -13.06 21.45 -40.88
N GLY B 138 -12.48 21.27 -42.07
CA GLY B 138 -13.26 21.23 -43.31
C GLY B 138 -12.67 20.26 -44.32
N LYS C 11 34.85 -11.36 20.42
CA LYS C 11 33.96 -11.50 19.26
C LYS C 11 32.52 -10.92 19.46
N PRO C 12 31.76 -11.45 20.45
CA PRO C 12 30.38 -11.02 20.74
C PRO C 12 30.07 -10.73 22.22
N ILE C 13 29.16 -9.76 22.46
CA ILE C 13 28.79 -9.21 23.78
C ILE C 13 29.81 -8.16 24.21
N ASP C 14 30.69 -7.86 23.27
CA ASP C 14 31.51 -6.66 23.30
C ASP C 14 30.83 -5.69 22.32
N ILE C 15 29.53 -5.87 22.21
CA ILE C 15 28.64 -5.13 21.34
C ILE C 15 28.40 -3.70 21.82
N THR C 16 28.69 -2.74 20.93
CA THR C 16 28.63 -1.31 21.26
C THR C 16 27.35 -0.62 20.78
N ALA C 17 26.62 -1.30 19.89
CA ALA C 17 25.39 -0.79 19.36
C ALA C 17 24.50 -1.97 19.01
N THR C 18 23.23 -1.89 19.41
CA THR C 18 22.22 -2.82 18.96
C THR C 18 21.18 -2.07 18.14
N LEU C 19 21.02 -2.50 16.88
CA LEU C 19 20.01 -1.95 15.98
C LEU C 19 18.87 -2.94 15.86
N ARG C 20 17.68 -2.41 15.57
CA ARG C 20 16.46 -3.23 15.46
C ARG C 20 15.78 -2.98 14.12
N CYS C 21 15.15 -4.01 13.58
CA CYS C 21 14.69 -3.98 12.20
C CYS C 21 13.43 -4.87 11.98
N LYS C 22 12.32 -4.25 11.62
CA LYS C 22 11.12 -5.02 11.33
C LYS C 22 11.19 -5.62 9.94
N VAL C 23 11.21 -6.96 9.90
CA VAL C 23 11.29 -7.70 8.66
C VAL C 23 10.04 -8.55 8.45
N ALA C 24 9.24 -8.23 7.43
CA ALA C 24 8.12 -9.11 7.08
C ALA C 24 8.68 -10.36 6.47
N VAL C 25 8.19 -11.51 6.93
CA VAL C 25 8.62 -12.79 6.39
C VAL C 25 7.41 -13.42 5.73
N VAL C 26 7.31 -13.27 4.42
CA VAL C 26 6.10 -13.64 3.69
C VAL C 26 6.32 -14.80 2.73
N GLY C 27 5.22 -15.36 2.23
CA GLY C 27 5.29 -16.56 1.44
C GLY C 27 4.32 -17.56 2.03
N GLU C 28 3.88 -18.51 1.21
CA GLU C 28 2.83 -19.44 1.61
C GLU C 28 3.14 -20.23 2.88
N ALA C 29 2.07 -20.64 3.56
CA ALA C 29 2.18 -21.42 4.80
C ALA C 29 3.06 -22.64 4.57
N THR C 30 2.84 -23.28 3.44
CA THR C 30 3.49 -24.57 3.16
C THR C 30 4.84 -24.44 2.47
N VAL C 31 5.58 -23.38 2.74
CA VAL C 31 6.93 -23.29 2.21
C VAL C 31 7.94 -23.46 3.35
N GLY C 32 7.44 -23.62 4.58
CA GLY C 32 8.30 -23.86 5.72
C GLY C 32 9.04 -22.64 6.25
N LYS C 33 8.29 -21.56 6.44
CA LYS C 33 8.85 -20.31 6.96
C LYS C 33 9.26 -20.52 8.39
N SER C 34 8.38 -21.20 9.12
CA SER C 34 8.57 -21.52 10.53
C SER C 34 9.93 -22.16 10.72
N ALA C 35 10.18 -23.23 9.98
CA ALA C 35 11.46 -23.94 10.03
C ALA C 35 12.62 -23.01 9.72
N LEU C 36 12.48 -22.29 8.62
CA LEU C 36 13.45 -21.26 8.29
C LEU C 36 13.68 -20.33 9.47
N ILE C 37 12.61 -19.88 10.12
CA ILE C 37 12.78 -19.00 11.28
C ILE C 37 13.32 -19.77 12.48
N SER C 38 13.00 -21.06 12.57
CA SER C 38 13.48 -21.93 13.66
C SER C 38 14.93 -22.33 13.47
N MET C 39 15.24 -22.89 12.32
CA MET C 39 16.61 -23.17 11.97
C MET C 39 17.41 -21.97 12.43
N PHE C 40 16.93 -20.77 12.08
CA PHE C 40 17.73 -19.55 12.25
C PHE C 40 17.92 -19.09 13.71
N THR C 41 16.93 -19.31 14.54
CA THR C 41 17.01 -18.79 15.89
C THR C 41 17.29 -19.90 16.93
N SER C 42 16.38 -20.85 17.08
CA SER C 42 16.67 -21.99 17.92
C SER C 42 17.85 -22.80 17.34
N VAL C 60 9.46 -12.37 19.04
CA VAL C 60 10.19 -13.18 18.04
C VAL C 60 11.47 -12.53 17.50
N VAL C 61 12.61 -12.68 18.19
CA VAL C 61 13.76 -11.83 17.85
C VAL C 61 15.13 -12.49 17.54
N ALA C 62 15.59 -12.23 16.32
CA ALA C 62 16.72 -12.91 15.71
C ALA C 62 17.94 -12.02 15.66
N PRO C 63 18.83 -12.11 16.67
CA PRO C 63 20.05 -11.30 16.63
C PRO C 63 21.13 -11.89 15.72
N VAL C 64 21.84 -11.03 15.02
CA VAL C 64 23.06 -11.40 14.34
C VAL C 64 23.99 -10.24 14.49
N THR C 65 25.27 -10.50 14.70
CA THR C 65 26.20 -9.39 14.75
C THR C 65 26.85 -9.32 13.40
N ILE C 66 26.96 -8.12 12.85
CA ILE C 66 27.50 -7.92 11.52
C ILE C 66 28.99 -8.17 11.52
N PRO C 67 29.45 -9.17 10.74
CA PRO C 67 30.84 -9.57 10.57
C PRO C 67 31.81 -8.38 10.51
N ASP C 68 32.84 -8.42 11.36
CA ASP C 68 33.88 -7.37 11.37
C ASP C 68 33.39 -6.06 11.96
N THR C 69 32.40 -6.15 12.83
CA THR C 69 31.88 -4.99 13.55
C THR C 69 31.56 -5.42 14.98
N THR C 70 31.31 -4.45 15.85
CA THR C 70 30.79 -4.70 17.19
C THR C 70 29.29 -4.42 17.17
N VAL C 71 28.71 -4.44 15.97
CA VAL C 71 27.29 -4.16 15.81
C VAL C 71 26.41 -5.44 15.72
N SER C 72 25.38 -5.47 16.56
CA SER C 72 24.43 -6.57 16.56
C SER C 72 23.13 -6.00 16.04
N VAL C 73 22.51 -6.75 15.13
CA VAL C 73 21.21 -6.39 14.60
C VAL C 73 20.17 -7.41 15.05
N GLU C 74 19.12 -6.89 15.69
CA GLU C 74 17.98 -7.71 16.03
C GLU C 74 16.93 -7.63 14.92
N LEU C 75 16.75 -8.71 14.19
CA LEU C 75 15.69 -8.77 13.21
C LEU C 75 14.39 -9.16 13.91
N PHE C 76 13.39 -8.30 13.75
CA PHE C 76 12.06 -8.58 14.26
C PHE C 76 11.27 -9.27 13.17
N LEU C 77 11.13 -10.59 13.31
CA LEU C 77 10.57 -11.40 12.25
C LEU C 77 9.05 -11.54 12.32
N LEU C 78 8.37 -10.89 11.39
CA LEU C 78 6.91 -10.93 11.30
C LEU C 78 6.38 -11.93 10.28
N ASP C 79 6.28 -13.19 10.68
CA ASP C 79 5.54 -14.15 9.91
C ASP C 79 4.13 -13.60 9.79
N THR C 80 3.57 -13.61 8.59
CA THR C 80 2.19 -13.18 8.38
C THR C 80 1.23 -14.06 9.17
N ALA C 81 1.34 -15.35 8.94
CA ALA C 81 0.43 -16.31 9.52
C ALA C 81 1.16 -17.16 10.56
N GLY C 82 1.18 -16.69 11.79
CA GLY C 82 0.45 -15.49 12.16
C GLY C 82 0.29 -15.51 13.64
N SER C 83 -0.06 -14.37 14.24
CA SER C 83 -0.56 -13.24 13.48
C SER C 83 0.31 -12.02 13.68
N ASP C 84 1.62 -12.23 13.76
CA ASP C 84 2.54 -11.16 14.13
C ASP C 84 2.31 -9.90 13.31
N LEU C 85 2.24 -10.06 12.00
CA LEU C 85 2.17 -8.94 11.07
C LEU C 85 0.89 -8.09 11.19
N TYR C 86 -0.28 -8.73 11.09
CA TYR C 86 -1.55 -8.01 11.21
C TYR C 86 -1.67 -7.25 12.51
N LYS C 87 -1.24 -7.84 13.62
CA LYS C 87 -1.26 -7.13 14.91
C LYS C 87 -0.53 -5.81 14.70
N GLU C 88 0.69 -5.90 14.20
CA GLU C 88 1.52 -4.73 13.95
C GLU C 88 0.79 -3.71 13.14
N GLN C 89 0.23 -4.19 12.03
CA GLN C 89 -0.37 -3.35 11.02
C GLN C 89 -1.50 -2.43 11.48
N ILE C 90 -2.27 -2.85 12.48
CA ILE C 90 -3.43 -2.07 12.92
C ILE C 90 -3.16 -1.32 14.21
N SER C 91 -1.92 -1.38 14.66
CA SER C 91 -1.48 -0.62 15.82
C SER C 91 -1.37 0.82 15.39
N GLN C 92 -1.50 1.75 16.33
CA GLN C 92 -1.38 3.18 15.99
C GLN C 92 0.08 3.50 15.86
N TYR C 93 0.38 4.49 15.00
CA TYR C 93 1.76 4.88 14.72
C TYR C 93 2.54 3.88 13.83
N TRP C 94 2.03 2.64 13.67
CA TRP C 94 2.61 1.66 12.73
C TRP C 94 3.06 2.34 11.45
N ASN C 95 4.23 1.97 10.96
CA ASN C 95 4.90 2.82 9.98
C ASN C 95 5.37 2.08 8.74
N GLY C 96 4.67 1.02 8.37
CA GLY C 96 5.01 0.27 7.19
C GLY C 96 6.14 -0.73 7.36
N VAL C 97 6.29 -1.59 6.35
CA VAL C 97 7.35 -2.59 6.28
C VAL C 97 8.26 -2.30 5.10
N TYR C 98 9.56 -2.15 5.37
CA TYR C 98 10.55 -1.80 4.34
C TYR C 98 11.69 -2.81 4.22
N TYR C 99 11.54 -3.96 4.88
CA TYR C 99 12.47 -5.08 4.80
C TYR C 99 11.66 -6.36 4.81
N ALA C 100 12.00 -7.28 3.93
CA ALA C 100 11.17 -8.46 3.77
C ALA C 100 12.01 -9.61 3.34
N ILE C 101 11.53 -10.80 3.64
CA ILE C 101 12.16 -12.04 3.23
C ILE C 101 11.07 -12.83 2.56
N LEU C 102 11.23 -13.06 1.27
CA LEU C 102 10.20 -13.74 0.48
C LEU C 102 10.64 -15.15 0.29
N VAL C 103 9.78 -16.07 0.71
CA VAL C 103 10.09 -17.48 0.68
C VAL C 103 9.11 -18.22 -0.24
N PHE C 104 9.64 -19.10 -1.08
CA PHE C 104 8.78 -19.99 -1.82
C PHE C 104 9.33 -21.41 -1.81
N ASP C 105 8.52 -22.32 -2.32
CA ASP C 105 8.81 -23.74 -2.34
C ASP C 105 9.07 -24.19 -3.78
N VAL C 106 10.30 -24.60 -4.06
CA VAL C 106 10.67 -25.09 -5.40
C VAL C 106 9.62 -26.05 -5.99
N SER C 107 8.90 -26.73 -5.10
CA SER C 107 7.89 -27.73 -5.48
C SER C 107 6.61 -27.13 -6.05
N SER C 108 6.35 -25.86 -5.73
CA SER C 108 5.13 -25.17 -6.15
C SER C 108 5.48 -23.88 -6.86
N MET C 109 5.36 -23.87 -8.19
CA MET C 109 5.53 -22.64 -8.95
C MET C 109 4.60 -21.54 -8.41
N GLU C 110 3.38 -21.95 -8.06
CA GLU C 110 2.36 -21.05 -7.54
C GLU C 110 2.80 -20.31 -6.26
N SER C 111 3.72 -20.93 -5.53
CA SER C 111 4.23 -20.34 -4.30
C SER C 111 5.22 -19.26 -4.66
N PHE C 112 5.91 -19.46 -5.79
CA PHE C 112 6.79 -18.42 -6.29
C PHE C 112 5.96 -17.23 -6.78
N GLU C 113 4.90 -17.52 -7.55
CA GLU C 113 4.01 -16.47 -8.03
C GLU C 113 3.63 -15.58 -6.86
N SER C 114 3.11 -16.21 -5.81
CA SER C 114 2.63 -15.51 -4.64
C SER C 114 3.66 -14.53 -4.08
N CYS C 115 4.92 -14.94 -4.11
CA CYS C 115 6.01 -14.09 -3.63
C CYS C 115 6.09 -12.79 -4.41
N LYS C 116 5.87 -12.90 -5.71
CA LYS C 116 5.98 -11.77 -6.63
C LYS C 116 4.87 -10.75 -6.44
N ALA C 117 3.64 -11.22 -6.30
CA ALA C 117 2.53 -10.34 -5.94
C ALA C 117 2.78 -9.62 -4.60
N TRP C 118 2.97 -10.40 -3.54
CA TRP C 118 3.40 -9.88 -2.24
C TRP C 118 4.36 -8.72 -2.45
N PHE C 119 5.50 -9.07 -3.02
CA PHE C 119 6.57 -8.13 -3.28
C PHE C 119 6.10 -6.81 -3.88
N GLU C 120 5.24 -6.90 -4.88
CA GLU C 120 4.79 -5.70 -5.54
C GLU C 120 3.94 -4.79 -4.66
N LEU C 121 3.11 -5.36 -3.82
CA LEU C 121 2.24 -4.48 -3.06
C LEU C 121 2.83 -4.07 -1.75
N LEU C 122 3.83 -4.82 -1.30
CA LEU C 122 4.73 -4.35 -0.24
C LEU C 122 5.44 -3.10 -0.70
N LYS C 123 5.76 -3.05 -1.98
CA LYS C 123 6.33 -1.84 -2.54
C LYS C 123 5.26 -0.75 -2.63
N SER C 124 4.04 -1.20 -2.91
CA SER C 124 2.93 -0.27 -3.04
C SER C 124 2.53 0.21 -1.68
N ALA C 125 2.55 -0.69 -0.72
CA ALA C 125 2.02 -0.38 0.60
C ALA C 125 2.87 0.56 1.47
N ARG C 126 4.09 0.84 1.05
CA ARG C 126 4.98 1.70 1.82
C ARG C 126 4.37 3.07 2.06
N PRO C 127 4.24 3.48 3.33
CA PRO C 127 3.90 4.88 3.62
C PRO C 127 4.82 5.85 2.88
N ASP C 128 6.12 5.63 3.00
CA ASP C 128 7.13 6.52 2.45
C ASP C 128 7.62 5.89 1.15
N ARG C 129 7.23 6.46 0.02
CA ARG C 129 7.61 5.94 -1.30
C ARG C 129 9.06 6.25 -1.67
N GLU C 130 9.70 7.10 -0.88
CA GLU C 130 11.09 7.45 -1.12
C GLU C 130 12.09 6.57 -0.36
N ARG C 131 11.58 5.56 0.35
CA ARG C 131 12.44 4.53 0.96
C ARG C 131 12.32 3.18 0.23
N PRO C 132 13.38 2.75 -0.44
CA PRO C 132 13.23 1.49 -1.16
C PRO C 132 12.91 0.30 -0.25
N LEU C 133 12.00 -0.53 -0.72
CA LEU C 133 11.72 -1.82 -0.11
C LEU C 133 12.95 -2.68 -0.33
N ARG C 134 13.55 -3.17 0.74
CA ARG C 134 14.72 -4.01 0.59
C ARG C 134 14.33 -5.44 0.87
N ALA C 135 14.47 -6.31 -0.13
CA ALA C 135 14.01 -7.68 0.08
C ALA C 135 15.01 -8.71 -0.39
N VAL C 136 14.68 -9.95 -0.07
CA VAL C 136 15.54 -11.08 -0.32
C VAL C 136 14.58 -12.18 -0.69
N LEU C 137 14.98 -12.97 -1.67
CA LEU C 137 14.18 -14.04 -2.18
C LEU C 137 14.85 -15.35 -1.79
N VAL C 138 14.05 -16.29 -1.31
CA VAL C 138 14.60 -17.54 -0.79
C VAL C 138 13.90 -18.75 -1.40
N ALA C 139 14.69 -19.70 -1.88
CA ALA C 139 14.14 -20.92 -2.42
C ALA C 139 14.22 -22.06 -1.40
N ASN C 140 13.06 -22.57 -0.99
CA ASN C 140 13.03 -23.60 0.05
C ASN C 140 12.72 -25.00 -0.48
N LYS C 141 13.03 -26.03 0.32
CA LYS C 141 12.81 -27.42 -0.11
C LYS C 141 11.89 -28.17 0.85
N PRO C 145 5.40 -34.49 -4.11
CA PRO C 145 5.24 -33.04 -3.98
C PRO C 145 5.43 -32.24 -5.28
N PRO C 146 6.64 -32.25 -5.89
CA PRO C 146 6.91 -31.41 -7.08
C PRO C 146 5.69 -31.19 -7.98
N GLN C 147 5.53 -29.95 -8.44
CA GLN C 147 4.44 -29.58 -9.35
C GLN C 147 4.77 -29.83 -10.83
N ARG C 148 3.75 -29.71 -11.68
CA ARG C 148 3.93 -29.90 -13.13
C ARG C 148 4.80 -28.80 -13.70
N HIS C 149 4.67 -27.60 -13.13
CA HIS C 149 5.51 -26.47 -13.53
C HIS C 149 6.45 -26.13 -12.39
N GLN C 150 7.67 -26.67 -12.48
CA GLN C 150 8.69 -26.51 -11.45
C GLN C 150 9.37 -25.16 -11.56
N VAL C 151 10.28 -24.88 -10.63
CA VAL C 151 10.90 -23.57 -10.61
C VAL C 151 12.30 -23.59 -11.24
N ARG C 152 12.49 -22.69 -12.20
CA ARG C 152 13.78 -22.52 -12.85
C ARG C 152 14.61 -21.52 -12.04
N LEU C 153 15.39 -22.04 -11.09
CA LEU C 153 16.18 -21.23 -10.18
C LEU C 153 17.13 -20.34 -10.96
N ASP C 154 17.28 -20.70 -12.22
CA ASP C 154 18.04 -19.95 -13.18
C ASP C 154 17.25 -18.65 -13.31
N MET C 155 15.97 -18.83 -13.59
CA MET C 155 15.06 -17.75 -13.90
C MET C 155 14.62 -17.02 -12.64
N ALA C 156 14.29 -17.78 -11.58
CA ALA C 156 14.02 -17.20 -10.24
C ALA C 156 15.18 -16.27 -9.89
N GLN C 157 16.38 -16.80 -10.02
CA GLN C 157 17.58 -16.02 -9.85
C GLN C 157 17.52 -14.80 -10.76
N ASP C 158 17.03 -15.02 -11.98
CA ASP C 158 16.95 -13.96 -12.98
C ASP C 158 15.98 -12.86 -12.53
N TRP C 159 14.78 -13.27 -12.13
CA TRP C 159 13.78 -12.33 -11.65
C TRP C 159 14.35 -11.56 -10.47
N ALA C 160 14.80 -12.31 -9.47
CA ALA C 160 15.44 -11.72 -8.31
C ALA C 160 16.36 -10.61 -8.78
N THR C 161 17.30 -10.96 -9.66
CA THR C 161 18.36 -10.06 -10.05
C THR C 161 17.77 -8.82 -10.72
N THR C 162 16.88 -9.07 -11.68
CA THR C 162 16.16 -8.01 -12.39
C THR C 162 15.45 -7.04 -11.44
N ASN C 163 15.05 -7.52 -10.27
CA ASN C 163 14.43 -6.66 -9.25
C ASN C 163 15.41 -6.21 -8.16
N THR C 164 16.70 -6.46 -8.41
CA THR C 164 17.80 -6.21 -7.46
C THR C 164 17.57 -6.77 -6.06
N LEU C 165 17.37 -8.08 -6.00
CA LEU C 165 17.09 -8.81 -4.76
C LEU C 165 18.22 -9.78 -4.53
N ASP C 166 18.67 -9.90 -3.28
CA ASP C 166 19.58 -11.00 -2.99
C ASP C 166 18.76 -12.29 -3.21
N PHE C 167 19.35 -13.32 -3.81
CA PHE C 167 18.65 -14.59 -3.92
C PHE C 167 19.43 -15.68 -3.19
N PHE C 168 18.73 -16.49 -2.41
CA PHE C 168 19.38 -17.53 -1.62
C PHE C 168 18.66 -18.84 -1.80
N ASP C 169 19.38 -19.84 -2.29
CA ASP C 169 18.79 -21.16 -2.44
C ASP C 169 19.07 -22.03 -1.25
N VAL C 170 18.02 -22.43 -0.55
CA VAL C 170 18.17 -23.34 0.59
C VAL C 170 18.39 -24.80 0.15
N SER C 171 19.13 -24.92 -0.96
CA SER C 171 20.00 -26.09 -1.26
C SER C 171 21.03 -25.82 -2.40
N ASN C 173 22.57 -28.27 -0.78
CA ASN C 173 22.99 -28.51 0.60
C ASN C 173 21.81 -28.56 1.58
N PRO C 174 21.92 -29.39 2.63
CA PRO C 174 20.81 -29.61 3.58
C PRO C 174 20.48 -28.45 4.53
N PRO C 175 19.26 -28.52 5.10
CA PRO C 175 18.58 -27.85 6.20
C PRO C 175 19.46 -27.63 7.43
N GLY C 176 19.77 -26.37 7.73
CA GLY C 176 20.51 -26.04 8.93
C GLY C 176 21.75 -25.22 8.66
N LYS C 177 22.41 -25.47 7.54
CA LYS C 177 23.68 -24.83 7.24
C LYS C 177 23.50 -23.34 6.97
N ASP C 178 22.83 -23.02 5.87
CA ASP C 178 22.78 -21.66 5.35
C ASP C 178 21.41 -21.01 5.44
N ALA C 179 20.55 -21.48 6.33
CA ALA C 179 19.31 -20.75 6.58
C ALA C 179 19.70 -19.32 6.92
N ASP C 180 20.94 -19.15 7.37
CA ASP C 180 21.36 -17.90 7.96
C ASP C 180 21.62 -16.82 6.94
N ALA C 181 22.06 -17.22 5.76
CA ALA C 181 22.57 -16.28 4.75
C ALA C 181 21.58 -15.17 4.41
N PRO C 182 20.30 -15.53 4.21
CA PRO C 182 19.23 -14.57 3.88
C PRO C 182 19.08 -13.51 4.96
N PHE C 183 18.89 -14.00 6.18
CA PHE C 183 18.78 -13.19 7.37
C PHE C 183 20.01 -12.33 7.56
N LEU C 184 21.17 -12.93 7.42
CA LEU C 184 22.39 -12.17 7.55
C LEU C 184 22.50 -11.15 6.42
N SER C 185 22.08 -11.57 5.23
CA SER C 185 22.06 -10.68 4.09
C SER C 185 21.24 -9.46 4.45
N ILE C 186 19.97 -9.72 4.74
CA ILE C 186 19.02 -8.65 5.02
C ILE C 186 19.51 -7.79 6.17
N ALA C 187 19.99 -8.42 7.23
CA ALA C 187 20.47 -7.68 8.38
C ALA C 187 21.61 -6.75 7.99
N THR C 188 22.44 -7.19 7.03
CA THR C 188 23.60 -6.42 6.59
C THR C 188 23.19 -5.24 5.70
N THR C 189 22.22 -5.50 4.83
CA THR C 189 21.64 -4.46 4.01
C THR C 189 21.10 -3.34 4.90
N PHE C 190 20.46 -3.75 6.00
CA PHE C 190 19.96 -2.82 7.01
C PHE C 190 21.05 -2.05 7.75
N TYR C 191 22.05 -2.78 8.23
CA TYR C 191 23.21 -2.20 8.87
C TYR C 191 23.72 -1.01 8.07
N ARG C 192 23.96 -1.25 6.78
CA ARG C 192 24.66 -0.31 5.92
C ARG C 192 23.93 1.01 5.76
N ASN C 193 22.64 0.97 5.55
CA ASN C 193 21.95 2.24 5.39
C ASN C 193 21.71 2.91 6.75
N TYR C 194 22.02 2.18 7.82
CA TYR C 194 22.02 2.82 9.13
C TYR C 194 23.20 3.77 9.11
N GLU C 195 24.36 3.19 8.92
CA GLU C 195 25.62 3.91 8.81
C GLU C 195 25.56 5.12 7.86
N ASP C 196 24.85 4.94 6.74
CA ASP C 196 24.54 5.98 5.77
C ASP C 196 23.86 7.16 6.43
N LYS C 197 22.68 6.86 6.97
CA LYS C 197 21.83 7.82 7.63
C LYS C 197 22.57 8.53 8.75
N VAL C 198 23.27 7.74 9.57
CA VAL C 198 24.04 8.26 10.71
C VAL C 198 25.13 9.27 10.32
N ALA C 199 25.76 9.06 9.16
CA ALA C 199 26.77 9.99 8.68
C ALA C 199 26.11 11.24 8.13
N ALA C 200 25.06 11.03 7.33
CA ALA C 200 24.18 12.10 6.90
C ALA C 200 23.79 13.01 8.05
N PHE C 201 23.45 12.43 9.21
CA PHE C 201 23.13 13.24 10.40
C PHE C 201 24.30 14.10 10.87
N GLN C 202 25.46 13.48 11.06
CA GLN C 202 26.65 14.22 11.46
C GLN C 202 26.97 15.34 10.49
N ASP C 203 26.63 15.12 9.22
CA ASP C 203 26.75 16.12 8.17
C ASP C 203 25.87 17.30 8.48
N ALA C 204 24.66 17.00 8.92
CA ALA C 204 23.61 17.99 8.93
C ALA C 204 23.67 18.88 10.14
N CYS C 205 24.49 18.54 11.12
CA CYS C 205 24.42 19.25 12.39
C CYS C 205 25.76 19.77 12.81
N ARG C 206 26.72 19.55 11.92
CA ARG C 206 27.96 20.24 11.95
C ARG C 206 27.64 21.60 11.34
N ASN C 207 26.77 21.59 10.32
CA ASN C 207 26.27 22.81 9.68
C ASN C 207 25.34 23.59 10.63
N TYR C 208 24.24 22.96 11.05
CA TYR C 208 23.39 23.54 12.10
C TYR C 208 23.83 23.01 13.46
N PRO D 12 -28.99 -12.55 -22.70
CA PRO D 12 -29.03 -11.59 -21.59
C PRO D 12 -30.47 -11.30 -21.19
N ILE D 13 -30.67 -10.80 -19.97
CA ILE D 13 -31.91 -10.13 -19.64
C ILE D 13 -31.92 -8.84 -20.47
N ASP D 14 -32.89 -7.96 -20.24
CA ASP D 14 -32.86 -6.69 -20.93
C ASP D 14 -31.81 -5.76 -20.31
N ILE D 15 -30.52 -6.11 -20.47
CA ILE D 15 -29.41 -5.37 -19.83
C ILE D 15 -29.06 -4.03 -20.51
N THR D 16 -29.18 -2.95 -19.75
CA THR D 16 -29.06 -1.60 -20.29
C THR D 16 -27.70 -0.97 -19.94
N ALA D 17 -27.00 -1.59 -19.01
CA ALA D 17 -25.69 -1.12 -18.59
C ALA D 17 -24.88 -2.32 -18.13
N THR D 18 -23.65 -2.43 -18.62
CA THR D 18 -22.66 -3.39 -18.09
C THR D 18 -21.49 -2.65 -17.42
N LEU D 19 -21.35 -2.85 -16.12
CA LEU D 19 -20.25 -2.28 -15.36
C LEU D 19 -19.19 -3.36 -15.13
N ARG D 20 -17.96 -2.91 -14.95
CA ARG D 20 -16.83 -3.83 -14.77
C ARG D 20 -16.08 -3.46 -13.50
N CYS D 21 -15.48 -4.44 -12.85
CA CYS D 21 -14.95 -4.24 -11.51
C CYS D 21 -13.77 -5.18 -11.22
N LYS D 22 -12.58 -4.61 -10.99
CA LYS D 22 -11.43 -5.46 -10.67
C LYS D 22 -11.47 -5.89 -9.21
N VAL D 23 -11.59 -7.20 -8.99
CA VAL D 23 -11.66 -7.76 -7.65
C VAL D 23 -10.48 -8.65 -7.37
N ALA D 24 -9.60 -8.23 -6.48
CA ALA D 24 -8.56 -9.16 -6.03
C ALA D 24 -9.21 -10.29 -5.22
N VAL D 25 -8.86 -11.54 -5.58
CA VAL D 25 -9.32 -12.70 -4.83
C VAL D 25 -8.13 -13.29 -4.13
N VAL D 26 -7.97 -12.97 -2.85
CA VAL D 26 -6.76 -13.36 -2.12
C VAL D 26 -7.01 -14.34 -1.00
N GLY D 27 -5.94 -14.94 -0.50
CA GLY D 27 -6.05 -16.05 0.44
C GLY D 27 -5.22 -17.21 -0.05
N GLU D 28 -4.78 -18.04 0.88
CA GLU D 28 -3.83 -19.11 0.59
C GLU D 28 -4.28 -20.03 -0.55
N ALA D 29 -3.30 -20.65 -1.21
CA ALA D 29 -3.54 -21.56 -2.31
C ALA D 29 -4.48 -22.69 -1.89
N THR D 30 -4.27 -23.18 -0.67
CA THR D 30 -4.99 -24.34 -0.20
C THR D 30 -6.30 -24.01 0.52
N VAL D 31 -6.96 -22.92 0.13
CA VAL D 31 -8.29 -22.61 0.70
C VAL D 31 -9.37 -22.84 -0.36
N GLY D 32 -8.96 -23.23 -1.56
CA GLY D 32 -9.91 -23.56 -2.61
C GLY D 32 -10.56 -22.34 -3.27
N LYS D 33 -9.73 -21.35 -3.62
CA LYS D 33 -10.21 -20.16 -4.32
C LYS D 33 -10.69 -20.54 -5.70
N SER D 34 -9.88 -21.33 -6.38
CA SER D 34 -10.21 -21.83 -7.70
C SER D 34 -11.64 -22.34 -7.70
N ALA D 35 -11.93 -23.27 -6.80
CA ALA D 35 -13.26 -23.85 -6.71
C ALA D 35 -14.36 -22.79 -6.54
N LEU D 36 -14.16 -21.82 -5.65
CA LEU D 36 -15.20 -20.83 -5.36
C LEU D 36 -15.52 -19.96 -6.55
N ILE D 37 -14.45 -19.61 -7.26
CA ILE D 37 -14.59 -18.81 -8.46
C ILE D 37 -15.23 -19.65 -9.54
N SER D 38 -14.51 -20.68 -9.99
CA SER D 38 -14.99 -21.52 -11.08
C SER D 38 -16.47 -21.92 -10.95
N MET D 39 -16.91 -22.22 -9.74
CA MET D 39 -18.30 -22.56 -9.51
C MET D 39 -19.23 -21.38 -9.64
N PHE D 40 -18.78 -20.21 -9.17
CA PHE D 40 -19.53 -18.97 -9.39
C PHE D 40 -19.53 -18.62 -10.87
N THR D 41 -18.36 -18.76 -11.48
CA THR D 41 -18.17 -18.61 -12.92
C THR D 41 -18.95 -19.65 -13.75
N SER D 42 -18.55 -20.92 -13.65
CA SER D 42 -19.21 -22.03 -14.34
C SER D 42 -20.74 -22.07 -14.16
N LYS D 43 -21.22 -21.68 -12.98
CA LYS D 43 -22.64 -21.81 -12.64
C LYS D 43 -23.58 -21.36 -13.76
N GLY D 44 -23.22 -20.30 -14.48
CA GLY D 44 -24.02 -19.84 -15.61
C GLY D 44 -24.06 -20.92 -16.67
N SER D 45 -22.88 -21.44 -17.02
CA SER D 45 -22.71 -22.67 -17.81
C SER D 45 -21.24 -22.87 -18.20
N VAL D 61 -14.04 -13.94 -16.37
CA VAL D 61 -14.98 -12.86 -16.05
C VAL D 61 -16.37 -13.33 -15.60
N ALA D 62 -16.71 -12.90 -14.40
CA ALA D 62 -17.87 -13.37 -13.67
C ALA D 62 -19.04 -12.36 -13.71
N PRO D 63 -19.99 -12.56 -14.63
CA PRO D 63 -21.14 -11.63 -14.69
C PRO D 63 -22.23 -11.99 -13.70
N VAL D 64 -22.85 -10.98 -13.11
CA VAL D 64 -24.04 -11.11 -12.29
C VAL D 64 -24.85 -9.89 -12.57
N THR D 65 -26.16 -10.05 -12.69
CA THR D 65 -26.99 -8.88 -12.83
C THR D 65 -27.56 -8.58 -11.46
N ILE D 66 -27.54 -7.30 -11.10
CA ILE D 66 -27.99 -6.88 -9.77
C ILE D 66 -29.51 -7.01 -9.65
N PRO D 67 -29.97 -7.82 -8.70
CA PRO D 67 -31.40 -8.10 -8.46
C PRO D 67 -32.24 -6.84 -8.52
N ASP D 68 -33.32 -6.88 -9.30
CA ASP D 68 -34.26 -5.77 -9.44
C ASP D 68 -33.68 -4.59 -10.23
N THR D 69 -32.76 -4.89 -11.14
CA THR D 69 -32.21 -3.89 -12.01
C THR D 69 -32.00 -4.51 -13.37
N THR D 70 -31.71 -3.68 -14.36
CA THR D 70 -31.29 -4.15 -15.68
C THR D 70 -29.77 -4.00 -15.78
N VAL D 71 -29.11 -3.91 -14.62
CA VAL D 71 -27.68 -3.75 -14.57
C VAL D 71 -26.92 -5.07 -14.36
N SER D 72 -25.95 -5.33 -15.24
CA SER D 72 -25.08 -6.49 -15.10
C SER D 72 -23.70 -6.01 -14.69
N VAL D 73 -23.09 -6.70 -13.72
CA VAL D 73 -21.75 -6.38 -13.29
C VAL D 73 -20.82 -7.51 -13.62
N GLU D 74 -19.78 -7.19 -14.37
CA GLU D 74 -18.75 -8.18 -14.65
C GLU D 74 -17.62 -8.05 -13.63
N LEU D 75 -17.50 -9.05 -12.76
CA LEU D 75 -16.41 -9.05 -11.82
C LEU D 75 -15.16 -9.63 -12.48
N PHE D 76 -14.10 -8.82 -12.56
CA PHE D 76 -12.82 -9.31 -13.06
C PHE D 76 -12.05 -9.93 -11.92
N LEU D 77 -12.00 -11.26 -11.90
CA LEU D 77 -11.48 -11.95 -10.73
C LEU D 77 -9.98 -12.23 -10.82
N LEU D 78 -9.19 -11.51 -10.02
CA LEU D 78 -7.74 -11.68 -10.02
C LEU D 78 -7.22 -12.59 -8.91
N ASP D 79 -7.24 -13.89 -9.14
CA ASP D 79 -6.56 -14.81 -8.24
C ASP D 79 -5.09 -14.38 -8.24
N THR D 80 -4.49 -14.26 -7.07
CA THR D 80 -3.06 -13.95 -6.99
C THR D 80 -2.21 -15.02 -7.70
N SER D 83 -0.91 -15.84 -10.87
CA SER D 83 -0.03 -14.90 -11.55
C SER D 83 -0.75 -13.66 -12.08
N ASP D 84 -2.08 -13.67 -12.05
CA ASP D 84 -2.89 -12.59 -12.63
C ASP D 84 -2.73 -11.22 -11.97
N LEU D 85 -2.98 -11.16 -10.66
CA LEU D 85 -2.76 -9.93 -9.92
C LEU D 85 -1.43 -9.29 -10.36
N TYR D 86 -0.35 -10.08 -10.32
CA TYR D 86 0.99 -9.58 -10.67
C TYR D 86 1.09 -9.01 -12.08
N LYS D 87 0.56 -9.72 -13.08
CA LYS D 87 0.53 -9.18 -14.42
C LYS D 87 -0.05 -7.78 -14.35
N GLU D 88 -1.25 -7.68 -13.76
CA GLU D 88 -1.99 -6.43 -13.68
C GLU D 88 -1.11 -5.37 -13.07
N GLN D 89 -0.55 -5.74 -11.93
CA GLN D 89 0.20 -4.83 -11.09
C GLN D 89 1.39 -4.11 -11.72
N ILE D 90 2.02 -4.71 -12.72
CA ILE D 90 3.21 -4.10 -13.28
C ILE D 90 2.94 -3.54 -14.66
N SER D 91 1.67 -3.61 -15.07
CA SER D 91 1.23 -2.92 -16.30
C SER D 91 1.26 -1.43 -16.08
N GLN D 92 1.37 -0.68 -17.17
CA GLN D 92 1.36 0.78 -17.09
C GLN D 92 -0.06 1.26 -16.82
N TYR D 93 -0.17 2.41 -16.19
CA TYR D 93 -1.49 2.96 -15.87
C TYR D 93 -2.29 2.13 -14.83
N TRP D 94 -1.86 0.90 -14.51
CA TRP D 94 -2.43 0.15 -13.38
C TRP D 94 -2.76 1.06 -12.19
N ASN D 95 -3.93 0.88 -11.60
CA ASN D 95 -4.49 1.89 -10.73
C ASN D 95 -4.97 1.35 -9.39
N GLY D 96 -4.37 0.27 -8.92
CA GLY D 96 -4.68 -0.29 -7.62
C GLY D 96 -5.88 -1.19 -7.57
N VAL D 97 -6.06 -1.86 -6.44
CA VAL D 97 -7.20 -2.73 -6.19
C VAL D 97 -8.03 -2.20 -5.02
N TYR D 98 -9.33 -2.00 -5.24
CA TYR D 98 -10.21 -1.40 -4.23
C TYR D 98 -11.42 -2.28 -3.94
N TYR D 99 -11.42 -3.48 -4.50
CA TYR D 99 -12.42 -4.52 -4.21
C TYR D 99 -11.69 -5.86 -4.02
N ALA D 100 -12.05 -6.59 -2.96
CA ALA D 100 -11.32 -7.80 -2.62
C ALA D 100 -12.23 -8.82 -1.98
N ILE D 101 -11.91 -10.09 -2.20
CA ILE D 101 -12.63 -11.18 -1.59
C ILE D 101 -11.57 -11.99 -0.90
N LEU D 102 -11.63 -12.01 0.42
CA LEU D 102 -10.64 -12.66 1.22
C LEU D 102 -11.20 -13.99 1.65
N VAL D 103 -10.47 -15.05 1.31
CA VAL D 103 -10.88 -16.41 1.57
C VAL D 103 -9.90 -17.10 2.53
N PHE D 104 -10.43 -17.87 3.47
CA PHE D 104 -9.59 -18.69 4.31
C PHE D 104 -10.25 -20.04 4.53
N ASP D 105 -9.49 -20.92 5.16
CA ASP D 105 -9.90 -22.28 5.38
C ASP D 105 -10.14 -22.50 6.87
N VAL D 106 -11.38 -22.79 7.25
CA VAL D 106 -11.74 -23.06 8.63
C VAL D 106 -10.73 -24.00 9.31
N SER D 107 -10.08 -24.84 8.49
CA SER D 107 -9.18 -25.87 8.98
C SER D 107 -7.82 -25.31 9.38
N SER D 108 -7.49 -24.14 8.87
CA SER D 108 -6.20 -23.53 9.16
C SER D 108 -6.40 -22.14 9.70
N MET D 109 -6.19 -21.97 11.00
CA MET D 109 -6.17 -20.64 11.61
C MET D 109 -5.21 -19.71 10.85
N GLU D 110 -4.04 -20.25 10.53
CA GLU D 110 -3.01 -19.50 9.82
C GLU D 110 -3.43 -18.96 8.45
N SER D 111 -4.46 -19.57 7.88
CA SER D 111 -4.96 -19.10 6.60
C SER D 111 -5.80 -17.87 6.86
N PHE D 112 -6.48 -17.84 8.00
CA PHE D 112 -7.22 -16.66 8.42
C PHE D 112 -6.28 -15.48 8.69
N GLU D 113 -5.22 -15.76 9.45
CA GLU D 113 -4.21 -14.75 9.74
C GLU D 113 -3.80 -14.07 8.46
N SER D 114 -3.44 -14.87 7.46
CA SER D 114 -2.93 -14.35 6.20
C SER D 114 -3.91 -13.38 5.55
N CYS D 115 -5.20 -13.68 5.66
CA CYS D 115 -6.24 -12.82 5.11
C CYS D 115 -6.18 -11.43 5.71
N LYS D 116 -5.99 -11.38 7.03
CA LYS D 116 -5.94 -10.13 7.77
C LYS D 116 -4.74 -9.26 7.38
N ALA D 117 -3.56 -9.86 7.25
CA ALA D 117 -2.39 -9.13 6.76
C ALA D 117 -2.64 -8.58 5.36
N TRP D 118 -2.94 -9.48 4.42
CA TRP D 118 -3.39 -9.10 3.09
C TRP D 118 -4.25 -7.84 3.16
N PHE D 119 -5.41 -8.00 3.77
CA PHE D 119 -6.38 -6.94 3.97
C PHE D 119 -5.77 -5.60 4.34
N GLU D 120 -4.87 -5.61 5.31
CA GLU D 120 -4.29 -4.37 5.80
C GLU D 120 -3.38 -3.68 4.79
N LEU D 121 -2.61 -4.43 4.02
CA LEU D 121 -1.72 -3.74 3.11
C LEU D 121 -2.35 -3.48 1.76
N LEU D 122 -3.43 -4.19 1.47
CA LEU D 122 -4.33 -3.81 0.40
C LEU D 122 -4.91 -2.43 0.71
N LYS D 123 -5.18 -2.18 1.98
CA LYS D 123 -5.63 -0.85 2.38
C LYS D 123 -4.47 0.11 2.24
N SER D 124 -3.29 -0.36 2.57
CA SER D 124 -2.12 0.51 2.51
C SER D 124 -1.75 0.74 1.06
N ALA D 125 -1.92 -0.27 0.23
CA ALA D 125 -1.40 -0.23 -1.12
C ALA D 125 -2.18 0.67 -2.08
N ARG D 126 -3.37 1.09 -1.69
CA ARG D 126 -4.23 1.92 -2.53
C ARG D 126 -3.51 3.18 -2.96
N PRO D 127 -3.40 3.42 -4.28
CA PRO D 127 -2.98 4.74 -4.78
C PRO D 127 -3.78 5.88 -4.17
N ASP D 128 -5.11 5.78 -4.24
CA ASP D 128 -6.02 6.80 -3.74
C ASP D 128 -6.50 6.39 -2.34
N ARG D 129 -5.98 7.08 -1.31
CA ARG D 129 -6.32 6.80 0.08
C ARG D 129 -7.72 7.27 0.48
N GLU D 130 -8.34 8.05 -0.40
CA GLU D 130 -9.69 8.53 -0.16
C GLU D 130 -10.79 7.64 -0.75
N ARG D 131 -10.43 6.49 -1.32
CA ARG D 131 -11.42 5.49 -1.72
C ARG D 131 -11.34 4.28 -0.85
N PRO D 132 -12.38 4.03 -0.05
CA PRO D 132 -12.30 2.88 0.85
C PRO D 132 -12.12 1.53 0.13
N LEU D 133 -11.21 0.71 0.65
CA LEU D 133 -11.13 -0.68 0.25
C LEU D 133 -12.40 -1.40 0.64
N ARG D 134 -13.08 -2.00 -0.33
CA ARG D 134 -14.30 -2.71 -0.06
C ARG D 134 -14.02 -4.20 -0.17
N ALA D 135 -14.22 -4.91 0.93
CA ALA D 135 -13.93 -6.33 0.90
C ALA D 135 -14.99 -7.18 1.56
N VAL D 136 -14.81 -8.48 1.40
CA VAL D 136 -15.74 -9.46 1.87
C VAL D 136 -14.85 -10.58 2.35
N LEU D 137 -15.26 -11.20 3.45
CA LEU D 137 -14.52 -12.28 4.06
C LEU D 137 -15.30 -13.56 3.85
N VAL D 138 -14.61 -14.62 3.45
CA VAL D 138 -15.27 -15.88 3.17
C VAL D 138 -14.63 -17.05 3.91
N ALA D 139 -15.47 -17.87 4.52
CA ALA D 139 -14.98 -19.04 5.24
C ALA D 139 -15.22 -20.27 4.41
N ASN D 140 -14.13 -20.96 4.05
CA ASN D 140 -14.21 -22.10 3.17
C ASN D 140 -13.86 -23.43 3.80
N LYS D 141 -13.94 -24.48 2.97
CA LYS D 141 -13.69 -25.84 3.42
C LYS D 141 -12.93 -26.66 2.39
N THR D 142 -11.60 -26.59 2.48
CA THR D 142 -10.70 -27.50 1.77
C THR D 142 -10.94 -28.93 2.23
N ASP D 143 -11.60 -29.72 1.39
CA ASP D 143 -11.85 -31.14 1.68
C ASP D 143 -10.54 -31.95 1.74
N LEU D 144 -9.79 -31.72 2.82
CA LEU D 144 -8.43 -32.23 3.01
C LEU D 144 -7.92 -31.79 4.39
N PRO D 145 -7.28 -32.71 5.11
CA PRO D 145 -6.97 -32.64 6.56
C PRO D 145 -6.68 -31.25 7.12
N GLN D 150 -6.84 -24.62 13.55
CA GLN D 150 -8.29 -24.55 13.29
C GLN D 150 -8.85 -23.15 13.55
N VAL D 151 -9.80 -22.73 12.72
CA VAL D 151 -10.34 -21.37 12.84
C VAL D 151 -11.64 -21.30 13.68
N ARG D 152 -11.85 -20.15 14.32
CA ARG D 152 -13.02 -19.92 15.17
C ARG D 152 -13.98 -18.97 14.50
N LEU D 153 -15.11 -19.49 14.02
CA LEU D 153 -16.02 -18.73 13.13
C LEU D 153 -16.63 -17.56 13.84
N ASP D 154 -17.26 -17.85 14.96
CA ASP D 154 -17.16 -17.07 16.18
C ASP D 154 -16.43 -15.73 16.02
N MET D 155 -15.10 -15.82 16.09
CA MET D 155 -14.18 -14.69 16.13
C MET D 155 -14.05 -14.01 14.79
N ALA D 156 -14.36 -14.75 13.76
CA ALA D 156 -14.12 -14.32 12.41
C ALA D 156 -15.22 -13.36 12.02
N GLN D 157 -16.46 -13.76 12.33
CA GLN D 157 -17.61 -12.90 12.14
C GLN D 157 -17.40 -11.59 12.86
N ASP D 158 -16.84 -11.66 14.06
CA ASP D 158 -16.60 -10.49 14.88
C ASP D 158 -15.60 -9.56 14.25
N TRP D 159 -14.48 -10.13 13.81
CA TRP D 159 -13.44 -9.37 13.15
C TRP D 159 -14.01 -8.72 11.92
N ALA D 160 -14.59 -9.54 11.05
CA ALA D 160 -15.26 -9.05 9.87
C ALA D 160 -16.07 -7.80 10.21
N THR D 161 -16.98 -7.96 11.17
CA THR D 161 -17.91 -6.90 11.55
C THR D 161 -17.19 -5.63 12.01
N THR D 162 -16.27 -5.82 12.94
CA THR D 162 -15.41 -4.76 13.42
C THR D 162 -14.69 -4.01 12.29
N ASN D 163 -14.44 -4.69 11.17
CA ASN D 163 -13.77 -4.04 10.05
C ASN D 163 -14.76 -3.62 8.95
N THR D 164 -16.05 -3.75 9.27
CA THR D 164 -17.18 -3.49 8.35
C THR D 164 -17.12 -4.27 7.03
N LEU D 165 -17.08 -5.59 7.15
CA LEU D 165 -16.89 -6.49 6.04
C LEU D 165 -18.07 -7.42 6.06
N ASP D 166 -18.73 -7.68 4.93
CA ASP D 166 -19.70 -8.75 4.93
C ASP D 166 -18.96 -10.07 5.09
N PHE D 167 -19.53 -10.96 5.87
CA PHE D 167 -18.91 -12.23 6.11
C PHE D 167 -19.79 -13.36 5.62
N PHE D 168 -19.22 -14.28 4.84
CA PHE D 168 -20.00 -15.34 4.24
C PHE D 168 -19.37 -16.68 4.56
N ASP D 169 -20.11 -17.52 5.26
CA ASP D 169 -19.62 -18.86 5.54
C ASP D 169 -20.06 -19.90 4.52
N VAL D 170 -19.10 -20.43 3.78
CA VAL D 170 -19.37 -21.46 2.80
C VAL D 170 -19.16 -22.83 3.42
N SER D 171 -18.21 -22.86 4.35
CA SER D 171 -17.61 -24.11 4.81
C SER D 171 -18.65 -25.10 5.27
N ALA D 172 -19.79 -24.59 5.74
CA ALA D 172 -20.84 -25.42 6.31
C ALA D 172 -20.94 -26.77 5.60
N ASN D 173 -20.92 -26.71 4.28
CA ASN D 173 -20.99 -27.87 3.38
C ASN D 173 -22.03 -27.67 2.28
N PRO D 174 -22.22 -26.42 1.80
CA PRO D 174 -23.02 -26.32 0.58
C PRO D 174 -22.11 -26.08 -0.61
N PRO D 175 -21.14 -26.98 -0.88
CA PRO D 175 -20.43 -26.65 -2.13
C PRO D 175 -21.40 -26.53 -3.30
N GLY D 176 -21.64 -25.30 -3.76
CA GLY D 176 -22.44 -25.07 -4.96
C GLY D 176 -23.57 -24.09 -4.78
N LYS D 177 -24.19 -24.12 -3.61
CA LYS D 177 -25.37 -23.32 -3.35
C LYS D 177 -25.05 -21.81 -3.30
N ASP D 178 -24.29 -21.41 -2.29
CA ASP D 178 -24.13 -20.00 -1.98
C ASP D 178 -22.74 -19.49 -2.23
N ALA D 179 -21.97 -20.18 -3.07
CA ALA D 179 -20.67 -19.63 -3.45
C ALA D 179 -20.94 -18.22 -3.94
N ASP D 180 -22.17 -18.00 -4.39
CA ASP D 180 -22.51 -16.79 -5.12
C ASP D 180 -22.63 -15.56 -4.25
N ALA D 181 -23.08 -15.75 -3.01
CA ALA D 181 -23.41 -14.65 -2.13
C ALA D 181 -22.31 -13.61 -1.98
N PRO D 182 -21.06 -14.04 -1.79
CA PRO D 182 -19.91 -13.15 -1.63
C PRO D 182 -19.73 -12.28 -2.86
N PHE D 183 -19.65 -12.95 -3.99
CA PHE D 183 -19.51 -12.32 -5.27
C PHE D 183 -20.68 -11.39 -5.52
N LEU D 184 -21.88 -11.87 -5.24
CA LEU D 184 -23.03 -11.02 -5.44
C LEU D 184 -22.99 -9.85 -4.48
N SER D 185 -22.51 -10.11 -3.27
CA SER D 185 -22.38 -9.08 -2.27
C SER D 185 -21.47 -8.02 -2.81
N ILE D 186 -20.24 -8.43 -3.11
CA ILE D 186 -19.23 -7.49 -3.56
C ILE D 186 -19.70 -6.75 -4.80
N ALA D 187 -20.36 -7.47 -5.71
CA ALA D 187 -20.81 -6.86 -6.96
C ALA D 187 -21.84 -5.78 -6.68
N THR D 188 -22.64 -5.99 -5.65
CA THR D 188 -23.69 -5.06 -5.26
C THR D 188 -23.12 -3.83 -4.58
N THR D 189 -22.16 -4.04 -3.68
CA THR D 189 -21.45 -2.96 -3.06
C THR D 189 -20.84 -2.03 -4.11
N PHE D 190 -20.37 -2.62 -5.20
CA PHE D 190 -19.80 -1.89 -6.32
C PHE D 190 -20.88 -1.14 -7.12
N TYR D 191 -21.96 -1.86 -7.41
CA TYR D 191 -23.08 -1.27 -8.10
C TYR D 191 -23.42 0.04 -7.45
N ARG D 192 -23.63 -0.02 -6.13
CA ARG D 192 -24.18 1.08 -5.40
C ARG D 192 -23.36 2.36 -5.46
N ASN D 193 -22.06 2.25 -5.30
CA ASN D 193 -21.28 3.47 -5.38
C ASN D 193 -21.03 3.93 -6.83
N TYR D 194 -21.43 3.11 -7.79
CA TYR D 194 -21.47 3.56 -9.17
C TYR D 194 -22.58 4.59 -9.26
N GLU D 195 -23.77 4.13 -8.91
CA GLU D 195 -24.96 4.98 -8.84
C GLU D 195 -24.74 6.30 -8.07
N ASP D 196 -23.97 6.21 -6.99
CA ASP D 196 -23.54 7.33 -6.18
C ASP D 196 -22.79 8.32 -7.05
N LYS D 197 -21.70 7.83 -7.62
CA LYS D 197 -20.80 8.67 -8.41
C LYS D 197 -21.53 9.27 -9.60
N VAL D 198 -22.33 8.45 -10.26
CA VAL D 198 -23.10 8.88 -11.42
C VAL D 198 -24.07 10.02 -11.10
N ALA D 199 -24.66 10.00 -9.92
CA ALA D 199 -25.58 11.05 -9.52
C ALA D 199 -24.78 12.30 -9.20
N ALA D 200 -23.70 12.09 -8.46
CA ALA D 200 -22.74 13.14 -8.20
C ALA D 200 -22.36 13.86 -9.48
N PHE D 201 -22.13 13.12 -10.55
CA PHE D 201 -21.79 13.73 -11.83
C PHE D 201 -22.92 14.60 -12.38
N GLN D 202 -24.14 14.08 -12.36
CA GLN D 202 -25.28 14.85 -12.84
C GLN D 202 -25.42 16.13 -12.05
N ASP D 203 -25.08 16.05 -10.76
CA ASP D 203 -25.05 17.20 -9.86
C ASP D 203 -24.07 18.26 -10.34
N ALA D 204 -22.92 17.79 -10.78
CA ALA D 204 -21.79 18.66 -10.99
C ALA D 204 -21.84 19.38 -12.34
N CYS D 205 -22.81 19.03 -13.18
CA CYS D 205 -22.76 19.56 -14.53
C CYS D 205 -24.04 20.22 -15.09
N ARG D 206 -24.96 20.67 -14.25
CA ARG D 206 -26.14 21.33 -14.84
C ARG D 206 -26.17 22.86 -14.64
N ASN D 207 -25.92 23.65 -15.69
CA ASN D 207 -25.62 23.17 -17.06
C ASN D 207 -24.20 23.50 -17.56
#